data_1EB9
#
_entry.id   1EB9
#
_cell.length_a   106.340
_cell.length_b   106.340
_cell.length_c   188.840
_cell.angle_alpha   90.00
_cell.angle_beta   90.00
_cell.angle_gamma   90.00
#
_symmetry.space_group_name_H-M   'P 41 21 2'
#
loop_
_entity.id
_entity.type
_entity.pdbx_description
1 polymer 'HYDROXYNITRILE LYASE'
2 non-polymer P-HYDROXYBENZALDEHYDE
3 water water
#
_entity_poly.entity_id   1
_entity_poly.type   'polypeptide(L)'
_entity_poly.pdbx_seq_one_letter_code
;PISKMVTAHFVLIHTICHGAWIWHKLKPALERAGHKVTALDMAASGIDPRQIEQINSFDEYSEPLLTFLEKLPQGEKVII
VGESCAGLNIAIAADRYVDKIAAGVFHNSLLPDTVHSPSYTVEKLLESFPDARDTEYFTFTNITGETITTMKLGFVLLRE
NLFTKCTDGEYELAKMVMRKGSLFQNVLAQRPKFTEKGYGSIKKVYIWTDQDKIFLPDFQRWQIANYKPDKVYQVQGGDH
KLQLTKTEEVAHILQEVADAYA
;
_entity_poly.pdbx_strand_id   A,B
#
loop_
_chem_comp.id
_chem_comp.type
_chem_comp.name
_chem_comp.formula
HBA non-polymer P-HYDROXYBENZALDEHYDE 'C7 H6 O2'
#
# COMPACT_ATOMS: atom_id res chain seq x y z
N PRO A 1 27.58 -34.52 -4.23
CA PRO A 1 27.41 -35.91 -4.67
C PRO A 1 25.96 -36.23 -5.05
N ILE A 2 25.04 -35.65 -4.25
CA ILE A 2 23.59 -35.62 -4.51
C ILE A 2 23.31 -34.16 -4.12
N SER A 3 22.62 -33.45 -5.02
CA SER A 3 22.22 -32.05 -4.88
C SER A 3 20.72 -32.12 -4.60
N LYS A 4 20.15 -31.39 -3.63
CA LYS A 4 18.73 -31.36 -3.32
C LYS A 4 18.33 -29.95 -3.76
N MET A 5 17.26 -29.71 -4.51
CA MET A 5 16.77 -28.37 -4.79
C MET A 5 15.30 -28.40 -4.38
N VAL A 6 14.75 -27.52 -3.55
CA VAL A 6 13.44 -27.68 -2.92
C VAL A 6 12.54 -26.48 -3.21
N THR A 7 11.23 -26.65 -3.43
CA THR A 7 10.34 -25.48 -3.53
C THR A 7 9.61 -25.49 -2.18
N ALA A 8 9.30 -24.29 -1.67
CA ALA A 8 8.81 -24.18 -0.31
C ALA A 8 7.66 -23.19 -0.26
N HIS A 9 6.97 -23.07 0.87
CA HIS A 9 5.91 -22.12 1.10
C HIS A 9 6.46 -21.17 2.16
N PHE A 10 6.70 -19.93 1.74
CA PHE A 10 7.17 -18.89 2.62
C PHE A 10 6.02 -18.04 3.06
N VAL A 11 5.98 -17.65 4.33
CA VAL A 11 4.99 -16.75 4.87
C VAL A 11 5.83 -15.51 5.28
N LEU A 12 5.58 -14.36 4.65
CA LEU A 12 6.36 -13.16 4.84
C LEU A 12 5.65 -12.24 5.82
N ILE A 13 6.31 -11.82 6.90
CA ILE A 13 5.72 -11.03 7.96
C ILE A 13 6.46 -9.69 8.07
N HIS A 14 5.74 -8.61 7.73
CA HIS A 14 6.21 -7.24 7.85
C HIS A 14 6.46 -6.78 9.29
N THR A 15 7.06 -5.61 9.48
CA THR A 15 7.32 -5.11 10.82
C THR A 15 6.18 -4.16 11.23
N ILE A 16 6.08 -3.72 12.50
CA ILE A 16 5.05 -2.82 12.97
C ILE A 16 5.01 -1.57 12.07
N CYS A 17 3.84 -0.96 11.94
CA CYS A 17 3.56 0.22 11.14
C CYS A 17 3.51 -0.09 9.65
N HIS A 18 4.14 -1.18 9.21
CA HIS A 18 4.20 -1.48 7.79
C HIS A 18 3.06 -2.44 7.44
N GLY A 19 3.13 -3.14 6.31
CA GLY A 19 2.10 -4.11 5.90
C GLY A 19 2.69 -5.06 4.86
N ALA A 20 1.83 -5.87 4.26
CA ALA A 20 2.24 -6.94 3.36
C ALA A 20 2.90 -6.32 2.14
N TRP A 21 2.52 -5.06 1.82
CA TRP A 21 3.03 -4.27 0.71
C TRP A 21 4.57 -4.19 0.65
N ILE A 22 5.30 -4.32 1.81
CA ILE A 22 6.76 -4.19 1.84
C ILE A 22 7.39 -5.33 1.07
N TRP A 23 6.63 -6.44 0.92
CA TRP A 23 7.07 -7.64 0.22
C TRP A 23 6.66 -7.65 -1.25
N HIS A 24 6.29 -6.50 -1.81
CA HIS A 24 5.73 -6.52 -3.15
C HIS A 24 6.76 -6.83 -4.21
N LYS A 25 8.05 -6.73 -3.93
CA LYS A 25 9.06 -7.13 -4.90
C LYS A 25 9.59 -8.51 -4.55
N LEU A 26 9.77 -8.91 -3.29
CA LEU A 26 10.34 -10.21 -3.02
C LEU A 26 9.33 -11.30 -3.34
N LYS A 27 8.01 -11.08 -3.13
CA LYS A 27 7.02 -12.09 -3.45
C LYS A 27 7.06 -12.52 -4.91
N PRO A 28 7.04 -11.69 -5.97
CA PRO A 28 7.21 -12.15 -7.35
C PRO A 28 8.54 -12.88 -7.61
N ALA A 29 9.63 -12.43 -6.97
CA ALA A 29 10.96 -12.98 -7.17
C ALA A 29 10.95 -14.41 -6.69
N LEU A 30 10.31 -14.68 -5.53
CA LEU A 30 10.22 -16.03 -4.98
C LEU A 30 9.32 -16.91 -5.84
N GLU A 31 8.25 -16.33 -6.36
CA GLU A 31 7.34 -17.07 -7.17
C GLU A 31 7.95 -17.41 -8.51
N ARG A 32 8.94 -16.63 -8.97
CA ARG A 32 9.64 -16.96 -10.21
C ARG A 32 10.43 -18.25 -10.01
N ALA A 33 10.87 -18.49 -8.78
CA ALA A 33 11.58 -19.68 -8.43
C ALA A 33 10.64 -20.86 -8.26
N GLY A 34 9.33 -20.70 -8.36
CA GLY A 34 8.39 -21.79 -8.17
C GLY A 34 7.94 -21.90 -6.74
N HIS A 35 8.30 -21.02 -5.77
CA HIS A 35 7.81 -21.18 -4.39
C HIS A 35 6.36 -20.65 -4.25
N LYS A 36 5.69 -21.06 -3.17
CA LYS A 36 4.37 -20.54 -2.82
C LYS A 36 4.71 -19.48 -1.79
N VAL A 37 4.09 -18.31 -1.84
CA VAL A 37 4.37 -17.18 -0.97
C VAL A 37 3.04 -16.64 -0.44
N THR A 38 2.90 -16.45 0.86
CA THR A 38 1.75 -15.83 1.48
C THR A 38 2.27 -14.55 2.14
N ALA A 39 1.77 -13.34 1.92
CA ALA A 39 2.25 -12.17 2.61
C ALA A 39 1.01 -11.63 3.29
N LEU A 40 1.09 -11.65 4.61
CA LEU A 40 0.01 -11.28 5.49
C LEU A 40 0.09 -9.90 6.10
N ASP A 41 -1.03 -9.18 6.25
CA ASP A 41 -1.05 -7.96 7.05
C ASP A 41 -1.33 -8.40 8.47
N MET A 42 -0.64 -7.86 9.45
CA MET A 42 -0.90 -8.22 10.84
C MET A 42 -1.99 -7.24 11.28
N ALA A 43 -2.52 -7.34 12.49
CA ALA A 43 -3.63 -6.51 12.89
C ALA A 43 -3.25 -5.03 12.79
N ALA A 44 -4.20 -4.18 12.41
CA ALA A 44 -3.98 -2.76 12.27
C ALA A 44 -2.79 -2.33 11.42
N SER A 45 -2.39 -3.18 10.46
CA SER A 45 -1.25 -2.89 9.61
C SER A 45 -1.66 -3.05 8.17
N GLY A 46 -1.01 -2.39 7.20
CA GLY A 46 -1.38 -2.47 5.79
C GLY A 46 -2.84 -2.07 5.62
N ILE A 47 -3.71 -2.92 5.04
CA ILE A 47 -5.11 -2.56 4.89
C ILE A 47 -5.93 -3.42 5.85
N ASP A 48 -5.35 -3.96 6.92
CA ASP A 48 -6.14 -4.65 7.92
C ASP A 48 -7.11 -3.63 8.51
N PRO A 49 -8.41 -3.91 8.74
CA PRO A 49 -9.38 -2.89 9.14
C PRO A 49 -9.37 -2.43 10.59
N ARG A 50 -8.72 -3.18 11.49
CA ARG A 50 -8.65 -2.83 12.89
C ARG A 50 -7.77 -1.62 13.05
N GLN A 51 -8.01 -0.84 14.09
CA GLN A 51 -7.17 0.32 14.46
C GLN A 51 -6.25 -0.14 15.57
N ILE A 52 -5.08 0.45 15.76
CA ILE A 52 -4.13 -0.08 16.73
C ILE A 52 -4.62 0.01 18.17
N GLU A 53 -5.53 0.97 18.47
CA GLU A 53 -6.04 1.12 19.83
C GLU A 53 -7.05 0.04 20.26
N GLN A 54 -7.47 -0.79 19.30
CA GLN A 54 -8.34 -1.92 19.59
C GLN A 54 -7.42 -3.13 19.85
N ILE A 55 -6.08 -3.04 19.76
CA ILE A 55 -5.19 -4.20 19.89
C ILE A 55 -4.57 -4.17 21.28
N ASN A 56 -4.45 -5.28 21.99
CA ASN A 56 -3.96 -5.14 23.37
C ASN A 56 -2.62 -5.73 23.74
N SER A 57 -1.98 -6.46 22.83
CA SER A 57 -0.71 -7.08 23.06
C SER A 57 -0.12 -7.42 21.70
N PHE A 58 1.16 -7.78 21.70
CA PHE A 58 1.86 -8.18 20.49
C PHE A 58 1.31 -9.54 20.04
N ASP A 59 0.81 -10.33 20.96
CA ASP A 59 0.14 -11.58 20.60
C ASP A 59 -1.16 -11.38 19.83
N GLU A 60 -1.98 -10.42 20.24
CA GLU A 60 -3.17 -10.07 19.46
C GLU A 60 -2.82 -9.50 18.12
N TYR A 61 -1.79 -8.64 18.08
CA TYR A 61 -1.32 -8.06 16.84
C TYR A 61 -0.93 -9.18 15.85
N SER A 62 -0.40 -10.32 16.37
CA SER A 62 0.01 -11.46 15.57
C SER A 62 -1.13 -12.35 15.09
N GLU A 63 -2.39 -12.12 15.47
CA GLU A 63 -3.50 -12.98 15.10
C GLU A 63 -3.54 -13.40 13.63
N PRO A 64 -3.38 -12.57 12.57
CA PRO A 64 -3.46 -13.04 11.19
C PRO A 64 -2.51 -14.20 10.90
N LEU A 65 -1.35 -14.22 11.56
CA LEU A 65 -0.37 -15.28 11.37
C LEU A 65 -0.80 -16.57 12.07
N LEU A 66 -1.32 -16.45 13.28
CA LEU A 66 -1.70 -17.62 14.03
C LEU A 66 -2.92 -18.30 13.41
N THR A 67 -3.86 -17.49 12.88
CA THR A 67 -5.08 -17.95 12.20
C THR A 67 -4.71 -18.67 10.92
N PHE A 68 -3.77 -18.09 10.19
CA PHE A 68 -3.22 -18.69 9.00
C PHE A 68 -2.59 -20.04 9.36
N LEU A 69 -1.72 -20.08 10.38
CA LEU A 69 -1.07 -21.32 10.74
C LEU A 69 -2.08 -22.33 11.24
N GLU A 70 -3.08 -21.93 11.99
CA GLU A 70 -4.14 -22.81 12.34
C GLU A 70 -4.79 -23.48 11.11
N LYS A 71 -5.02 -22.72 10.05
CA LYS A 71 -5.66 -23.31 8.91
C LYS A 71 -4.75 -24.11 7.99
N LEU A 72 -3.42 -24.14 8.14
CA LEU A 72 -2.59 -24.91 7.21
C LEU A 72 -3.04 -26.39 7.14
N PRO A 73 -3.10 -27.03 5.97
CA PRO A 73 -3.32 -28.46 5.81
C PRO A 73 -2.38 -29.27 6.66
N GLN A 74 -2.89 -30.44 7.00
CA GLN A 74 -2.21 -31.39 7.87
C GLN A 74 -0.89 -31.75 7.20
N GLY A 75 0.18 -31.69 7.98
CA GLY A 75 1.47 -32.07 7.44
C GLY A 75 2.09 -31.02 6.50
N GLU A 76 1.51 -29.83 6.29
CA GLU A 76 2.12 -28.77 5.50
C GLU A 76 2.90 -27.95 6.56
N LYS A 77 4.11 -27.47 6.15
CA LYS A 77 5.02 -26.66 6.97
C LYS A 77 5.44 -25.44 6.18
N VAL A 78 5.74 -24.33 6.83
CA VAL A 78 6.11 -23.13 6.09
C VAL A 78 7.41 -22.57 6.60
N ILE A 79 8.08 -21.74 5.80
CA ILE A 79 9.25 -20.98 6.26
C ILE A 79 8.74 -19.54 6.53
N ILE A 80 8.82 -19.05 7.76
CA ILE A 80 8.34 -17.73 8.12
C ILE A 80 9.51 -16.77 8.04
N VAL A 81 9.38 -15.74 7.19
CA VAL A 81 10.38 -14.73 6.98
C VAL A 81 9.84 -13.49 7.69
N GLY A 82 10.54 -12.94 8.69
CA GLY A 82 10.07 -11.78 9.43
C GLY A 82 11.11 -10.65 9.37
N GLU A 83 10.69 -9.43 9.08
CA GLU A 83 11.64 -8.33 9.04
C GLU A 83 11.55 -7.50 10.30
N SER A 84 12.69 -6.94 10.74
CA SER A 84 12.72 -5.99 11.85
C SER A 84 11.99 -6.45 13.12
N CYS A 85 10.83 -5.92 13.57
CA CYS A 85 10.14 -6.39 14.79
C CYS A 85 9.50 -7.73 14.58
N ALA A 86 9.35 -8.21 13.33
CA ALA A 86 8.64 -9.45 13.14
C ALA A 86 9.28 -10.71 13.74
N GLY A 87 10.54 -10.73 14.18
CA GLY A 87 11.07 -11.90 14.87
C GLY A 87 10.25 -12.25 16.12
N LEU A 88 9.54 -11.29 16.77
CA LEU A 88 8.67 -11.59 17.90
C LEU A 88 7.40 -12.31 17.42
N ASN A 89 6.88 -12.01 16.21
CA ASN A 89 5.77 -12.71 15.56
C ASN A 89 6.17 -14.17 15.32
N ILE A 90 7.40 -14.42 14.83
CA ILE A 90 7.94 -15.77 14.63
C ILE A 90 8.01 -16.49 15.97
N ALA A 91 8.53 -15.91 17.04
CA ALA A 91 8.55 -16.57 18.34
C ALA A 91 7.17 -16.86 18.90
N ILE A 92 6.19 -15.95 18.81
CA ILE A 92 4.82 -16.15 19.27
C ILE A 92 4.21 -17.30 18.45
N ALA A 93 4.44 -17.34 17.13
CA ALA A 93 3.87 -18.38 16.29
C ALA A 93 4.45 -19.74 16.62
N ALA A 94 5.79 -19.86 16.74
CA ALA A 94 6.50 -21.10 17.01
C ALA A 94 6.10 -21.69 18.34
N ASP A 95 5.72 -20.88 19.32
CA ASP A 95 5.22 -21.45 20.56
C ASP A 95 3.81 -21.96 20.44
N ARG A 96 3.07 -21.74 19.35
CA ARG A 96 1.77 -22.36 19.19
C ARG A 96 1.81 -23.41 18.09
N TYR A 97 2.63 -23.24 17.05
CA TYR A 97 2.56 -24.07 15.88
C TYR A 97 3.92 -24.59 15.51
N VAL A 98 4.74 -25.03 16.46
CA VAL A 98 6.07 -25.52 16.12
C VAL A 98 6.12 -26.57 15.00
N ASP A 99 5.17 -27.49 14.91
CA ASP A 99 5.29 -28.51 13.87
C ASP A 99 4.89 -28.08 12.47
N LYS A 100 4.44 -26.85 12.32
CA LYS A 100 4.07 -26.31 11.04
C LYS A 100 5.20 -25.43 10.55
N ILE A 101 6.33 -25.31 11.27
CA ILE A 101 7.34 -24.37 10.89
C ILE A 101 8.60 -25.10 10.49
N ALA A 102 9.04 -25.03 9.22
CA ALA A 102 10.27 -25.64 8.74
C ALA A 102 11.47 -24.81 9.21
N ALA A 103 11.40 -23.49 9.24
CA ALA A 103 12.49 -22.63 9.73
C ALA A 103 11.94 -21.22 9.94
N GLY A 104 12.62 -20.41 10.76
CA GLY A 104 12.28 -19.00 10.93
C GLY A 104 13.44 -18.26 10.30
N VAL A 105 13.22 -17.31 9.42
CA VAL A 105 14.26 -16.49 8.84
C VAL A 105 14.08 -15.05 9.39
N PHE A 106 15.11 -14.49 10.04
CA PHE A 106 15.13 -13.16 10.66
C PHE A 106 15.84 -12.25 9.67
N HIS A 107 15.20 -11.19 9.19
CA HIS A 107 15.74 -10.37 8.11
C HIS A 107 15.88 -9.03 8.78
N ASN A 108 17.10 -8.62 9.17
CA ASN A 108 17.39 -7.37 9.88
C ASN A 108 16.38 -7.22 11.00
N SER A 109 16.23 -8.36 11.69
CA SER A 109 15.16 -8.59 12.63
C SER A 109 15.62 -8.79 14.08
N LEU A 110 14.71 -8.47 15.00
CA LEU A 110 14.80 -8.82 16.39
C LEU A 110 14.98 -10.34 16.47
N LEU A 111 15.87 -10.92 17.32
CA LEU A 111 16.08 -12.36 17.42
C LEU A 111 15.76 -12.71 18.86
N PRO A 112 14.48 -12.89 19.26
CA PRO A 112 14.13 -13.21 20.64
C PRO A 112 14.86 -14.46 21.12
N ASP A 113 14.98 -14.66 22.42
CA ASP A 113 15.53 -15.90 22.94
C ASP A 113 14.57 -16.50 23.95
N THR A 114 14.92 -17.60 24.57
CA THR A 114 14.03 -18.20 25.57
C THR A 114 14.47 -17.88 27.01
N VAL A 115 15.76 -17.54 27.16
CA VAL A 115 16.38 -17.21 28.42
C VAL A 115 15.94 -15.92 29.11
N HIS A 116 15.62 -14.90 28.33
CA HIS A 116 15.33 -13.60 28.88
C HIS A 116 13.88 -13.34 28.62
N SER A 117 13.36 -12.28 29.18
CA SER A 117 11.97 -11.86 28.95
C SER A 117 11.71 -11.64 27.47
N PRO A 118 10.52 -11.82 26.94
CA PRO A 118 10.21 -11.47 25.55
C PRO A 118 10.62 -10.05 25.11
N SER A 119 10.64 -9.04 26.00
CA SER A 119 10.98 -7.68 25.61
C SER A 119 12.45 -7.37 25.60
N TYR A 120 13.27 -8.32 25.96
CA TYR A 120 14.70 -8.14 26.07
C TYR A 120 15.38 -7.61 24.81
N THR A 121 15.21 -8.15 23.60
CA THR A 121 15.89 -7.60 22.45
C THR A 121 15.32 -6.25 22.06
N VAL A 122 14.07 -5.95 22.46
CA VAL A 122 13.40 -4.66 22.21
C VAL A 122 14.12 -3.56 23.01
N GLU A 123 14.40 -3.88 24.29
CA GLU A 123 15.15 -3.01 25.17
C GLU A 123 16.54 -2.78 24.63
N LYS A 124 17.22 -3.82 24.21
CA LYS A 124 18.57 -3.62 23.71
C LYS A 124 18.55 -2.83 22.39
N LEU A 125 17.54 -3.05 21.55
CA LEU A 125 17.37 -2.28 20.33
C LEU A 125 17.24 -0.82 20.68
N LEU A 126 16.40 -0.49 21.66
CA LEU A 126 16.16 0.90 21.92
C LEU A 126 17.35 1.58 22.57
N GLU A 127 18.09 0.80 23.31
CA GLU A 127 19.30 1.28 23.95
C GLU A 127 20.31 1.58 22.87
N SER A 128 20.32 0.81 21.76
CA SER A 128 21.22 1.08 20.66
C SER A 128 20.72 2.17 19.70
N PHE A 129 19.44 2.36 19.52
CA PHE A 129 19.01 3.39 18.61
C PHE A 129 17.92 4.09 19.39
N PRO A 130 18.29 5.08 20.21
CA PRO A 130 17.34 5.73 21.09
C PRO A 130 16.67 6.96 20.51
N ASP A 131 17.20 7.53 19.44
CA ASP A 131 16.56 8.73 18.97
C ASP A 131 15.87 8.38 17.67
N ALA A 132 14.53 8.39 17.74
CA ALA A 132 13.70 8.10 16.57
C ALA A 132 13.39 9.32 15.74
N ARG A 133 14.17 10.36 15.98
CA ARG A 133 14.15 11.57 15.21
C ARG A 133 12.79 12.27 15.22
N ASP A 134 12.16 12.41 14.06
CA ASP A 134 10.86 13.00 13.92
C ASP A 134 9.65 12.07 14.13
N THR A 135 9.83 10.87 14.65
CA THR A 135 8.73 10.02 15.03
C THR A 135 7.83 10.70 16.12
N GLU A 136 6.50 10.57 16.03
CA GLU A 136 5.61 11.10 17.04
C GLU A 136 5.06 9.91 17.77
N TYR A 137 4.89 10.06 19.09
CA TYR A 137 4.44 9.01 20.00
C TYR A 137 3.08 9.25 20.54
N PHE A 138 2.27 8.25 20.84
CA PHE A 138 0.94 8.48 21.37
C PHE A 138 0.66 7.38 22.37
N THR A 139 -0.42 7.47 23.13
CA THR A 139 -0.82 6.55 24.18
C THR A 139 -2.28 6.18 24.05
N PHE A 140 -2.61 4.95 24.48
CA PHE A 140 -3.97 4.56 24.73
C PHE A 140 -3.97 3.59 25.90
N THR A 141 -5.07 3.35 26.63
CA THR A 141 -5.13 2.38 27.71
C THR A 141 -5.72 1.10 27.13
N ASN A 142 -5.11 -0.08 27.31
CA ASN A 142 -5.64 -1.30 26.72
C ASN A 142 -6.69 -1.93 27.61
N ILE A 143 -7.18 -3.12 27.29
CA ILE A 143 -8.27 -3.76 27.97
C ILE A 143 -8.11 -4.03 29.47
N THR A 144 -6.89 -4.07 30.00
CA THR A 144 -6.69 -4.32 31.41
C THR A 144 -6.00 -3.11 32.03
N GLY A 145 -6.01 -1.92 31.39
CA GLY A 145 -5.49 -0.73 32.02
C GLY A 145 -4.03 -0.41 31.76
N GLU A 146 -3.29 -1.18 30.94
CA GLU A 146 -1.90 -0.90 30.60
C GLU A 146 -1.80 0.28 29.63
N THR A 147 -0.84 1.20 29.73
CA THR A 147 -0.79 2.25 28.73
C THR A 147 0.23 1.76 27.72
N ILE A 148 -0.29 1.91 26.50
CA ILE A 148 0.38 1.39 25.34
C ILE A 148 0.85 2.60 24.63
N THR A 149 2.10 2.53 24.23
CA THR A 149 2.69 3.59 23.44
C THR A 149 2.66 3.19 21.96
N THR A 150 2.11 4.08 21.10
CA THR A 150 2.11 3.91 19.65
C THR A 150 2.93 5.04 19.05
N MET A 151 3.28 4.84 17.80
CA MET A 151 4.03 5.83 17.10
C MET A 151 3.67 5.94 15.62
N LYS A 152 3.92 7.13 15.07
CA LYS A 152 3.76 7.40 13.65
C LYS A 152 5.21 7.70 13.27
N LEU A 153 5.88 6.78 12.60
CA LEU A 153 7.27 6.95 12.20
C LEU A 153 7.53 8.28 11.40
N GLY A 154 8.54 9.08 11.75
CA GLY A 154 8.77 10.31 11.03
C GLY A 154 9.31 10.09 9.62
N PHE A 155 9.05 10.99 8.69
CA PHE A 155 9.51 10.83 7.33
C PHE A 155 11.00 10.96 7.12
N VAL A 156 11.74 11.70 7.94
CA VAL A 156 13.21 11.75 7.80
C VAL A 156 13.80 10.43 8.25
N LEU A 157 13.33 9.93 9.40
CA LEU A 157 13.76 8.65 9.90
C LEU A 157 13.46 7.64 8.81
N LEU A 158 12.28 7.69 8.16
CA LEU A 158 11.93 6.78 7.08
C LEU A 158 12.90 6.91 5.92
N ARG A 159 13.19 8.11 5.43
CA ARG A 159 14.10 8.33 4.32
C ARG A 159 15.51 7.83 4.57
N GLU A 160 16.05 8.25 5.72
CA GLU A 160 17.46 8.10 6.00
C GLU A 160 17.85 6.85 6.74
N ASN A 161 16.98 6.39 7.64
CA ASN A 161 17.31 5.28 8.50
C ASN A 161 16.71 3.96 8.11
N LEU A 162 15.47 3.95 7.62
CA LEU A 162 14.85 2.69 7.25
C LEU A 162 15.00 2.40 5.78
N PHE A 163 14.70 3.41 4.96
CA PHE A 163 14.68 3.29 3.50
C PHE A 163 15.87 4.01 2.84
N THR A 164 16.99 4.00 3.55
CA THR A 164 18.21 4.69 3.17
C THR A 164 18.60 4.70 1.71
N LYS A 165 18.67 3.50 1.12
CA LYS A 165 19.03 3.28 -0.26
C LYS A 165 17.84 2.92 -1.17
N CYS A 166 16.58 3.01 -0.74
CA CYS A 166 15.48 2.61 -1.60
C CYS A 166 15.25 3.67 -2.65
N THR A 167 14.63 3.31 -3.76
CA THR A 167 14.31 4.32 -4.76
C THR A 167 13.24 5.25 -4.21
N ASP A 168 13.08 6.34 -4.93
CA ASP A 168 12.09 7.32 -4.55
C ASP A 168 10.69 6.83 -4.71
N GLY A 169 10.41 5.97 -5.69
CA GLY A 169 9.09 5.40 -5.84
C GLY A 169 8.80 4.50 -4.64
N GLU A 170 9.83 3.81 -4.12
CA GLU A 170 9.66 2.97 -2.96
C GLU A 170 9.50 3.73 -1.67
N TYR A 171 10.31 4.77 -1.49
CA TYR A 171 10.17 5.63 -0.33
C TYR A 171 8.81 6.39 -0.38
N GLU A 172 8.35 6.85 -1.53
CA GLU A 172 7.07 7.51 -1.63
C GLU A 172 5.94 6.56 -1.31
N LEU A 173 5.99 5.32 -1.81
CA LEU A 173 5.01 4.31 -1.49
C LEU A 173 4.96 4.15 0.03
N ALA A 174 6.08 4.03 0.76
CA ALA A 174 6.11 3.86 2.21
C ALA A 174 5.32 4.94 2.96
N LYS A 175 5.56 6.17 2.54
CA LYS A 175 4.87 7.33 3.08
C LYS A 175 3.38 7.26 2.80
N MET A 176 2.96 6.78 1.62
CA MET A 176 1.56 6.61 1.24
C MET A 176 0.78 5.53 1.99
N VAL A 177 1.38 4.49 2.55
CA VAL A 177 0.63 3.45 3.21
C VAL A 177 1.06 3.10 4.61
N MET A 178 2.01 3.85 5.20
CA MET A 178 2.56 3.59 6.52
C MET A 178 1.49 3.88 7.55
N ARG A 179 1.36 3.06 8.58
CA ARG A 179 0.32 3.25 9.61
C ARG A 179 0.93 3.38 11.00
N LYS A 180 0.19 3.67 12.04
CA LYS A 180 0.72 3.63 13.39
C LYS A 180 1.11 2.22 13.80
N GLY A 181 2.02 2.12 14.76
CA GLY A 181 2.44 0.82 15.22
C GLY A 181 2.73 0.83 16.71
N SER A 182 3.00 -0.30 17.33
CA SER A 182 3.38 -0.33 18.72
C SER A 182 4.23 -1.56 18.93
N LEU A 183 5.24 -1.37 19.76
CA LEU A 183 6.08 -2.46 20.23
C LEU A 183 5.37 -3.17 21.38
N PHE A 184 4.31 -2.65 22.05
CA PHE A 184 3.68 -3.25 23.24
C PHE A 184 4.74 -3.72 24.27
N GLN A 185 5.83 -2.92 24.44
CA GLN A 185 7.01 -3.32 25.16
C GLN A 185 6.71 -3.61 26.60
N ASN A 186 5.89 -2.80 27.26
CA ASN A 186 5.53 -3.12 28.63
C ASN A 186 4.69 -4.35 28.85
N VAL A 187 3.87 -4.70 27.87
CA VAL A 187 3.09 -5.90 27.99
C VAL A 187 4.01 -7.08 27.60
N LEU A 188 5.00 -6.93 26.69
CA LEU A 188 5.92 -8.00 26.37
C LEU A 188 6.75 -8.36 27.58
N ALA A 189 7.14 -7.31 28.32
CA ALA A 189 7.87 -7.41 29.57
C ALA A 189 7.21 -8.28 30.64
N GLN A 190 5.89 -8.24 30.79
CA GLN A 190 5.09 -9.08 31.69
C GLN A 190 4.79 -10.43 31.03
N ARG A 191 5.12 -10.69 29.77
CA ARG A 191 4.75 -11.92 29.10
C ARG A 191 5.68 -13.09 29.47
N PRO A 192 5.14 -14.30 29.61
CA PRO A 192 5.91 -15.53 29.68
C PRO A 192 6.99 -15.58 28.61
N LYS A 193 8.16 -16.09 28.98
CA LYS A 193 9.23 -16.22 28.04
C LYS A 193 8.91 -17.26 26.96
N PHE A 194 9.56 -17.14 25.80
CA PHE A 194 9.35 -18.11 24.75
C PHE A 194 9.88 -19.46 25.19
N THR A 195 9.29 -20.56 24.74
CA THR A 195 9.67 -21.90 25.16
C THR A 195 10.70 -22.55 24.27
N GLU A 196 11.38 -23.44 24.94
CA GLU A 196 12.39 -24.22 24.33
C GLU A 196 11.83 -25.23 23.37
N LYS A 197 10.73 -25.84 23.80
CA LYS A 197 10.11 -26.88 23.00
C LYS A 197 9.46 -26.33 21.73
N GLY A 198 8.85 -25.12 21.79
CA GLY A 198 8.26 -24.50 20.62
C GLY A 198 9.36 -23.70 19.92
N TYR A 199 9.46 -22.42 20.28
CA TYR A 199 10.36 -21.50 19.61
C TYR A 199 11.81 -21.92 19.70
N GLY A 200 12.25 -22.37 20.85
CA GLY A 200 13.65 -22.72 21.03
C GLY A 200 14.00 -23.82 20.06
N SER A 201 13.04 -24.64 19.64
CA SER A 201 13.43 -25.73 18.80
C SER A 201 13.45 -25.44 17.33
N ILE A 202 12.91 -24.33 16.80
CA ILE A 202 12.90 -24.16 15.35
C ILE A 202 14.24 -23.81 14.76
N LYS A 203 14.46 -24.11 13.49
CA LYS A 203 15.66 -23.73 12.81
C LYS A 203 15.58 -22.23 12.57
N LYS A 204 16.71 -21.54 12.67
CA LYS A 204 16.72 -20.08 12.68
C LYS A 204 17.86 -19.57 11.81
N VAL A 205 17.53 -18.79 10.78
CA VAL A 205 18.49 -18.25 9.83
C VAL A 205 18.47 -16.72 9.97
N TYR A 206 19.65 -16.06 10.08
CA TYR A 206 19.75 -14.63 10.30
C TYR A 206 20.40 -14.02 9.06
N ILE A 207 19.62 -13.17 8.35
CA ILE A 207 20.04 -12.38 7.18
C ILE A 207 20.16 -10.94 7.68
N TRP A 208 21.26 -10.27 7.39
CA TRP A 208 21.49 -8.88 7.80
C TRP A 208 22.51 -8.17 6.88
N THR A 209 22.62 -6.84 6.95
CA THR A 209 23.62 -6.09 6.22
C THR A 209 24.20 -5.17 7.27
N ASP A 210 25.50 -4.91 7.15
CA ASP A 210 26.12 -4.02 8.10
C ASP A 210 25.92 -2.57 7.65
N GLN A 211 25.30 -2.34 6.49
CA GLN A 211 24.91 -0.98 6.06
C GLN A 211 23.53 -0.58 6.56
N ASP A 212 22.91 -1.35 7.46
CA ASP A 212 21.62 -1.00 7.97
C ASP A 212 21.76 0.20 8.88
N LYS A 213 20.98 1.26 8.61
CA LYS A 213 21.13 2.46 9.41
C LYS A 213 20.16 2.59 10.53
N ILE A 214 19.48 1.52 10.94
CA ILE A 214 18.58 1.63 12.08
C ILE A 214 18.82 0.43 12.96
N PHE A 215 18.94 -0.80 12.47
CA PHE A 215 19.34 -1.94 13.30
C PHE A 215 20.83 -1.98 12.99
N LEU A 216 21.57 -1.25 13.78
CA LEU A 216 23.01 -1.08 13.58
C LEU A 216 23.92 -2.33 13.82
N PRO A 217 25.12 -2.40 13.22
CA PRO A 217 26.01 -3.56 13.22
C PRO A 217 26.29 -4.13 14.60
N ASP A 218 26.38 -3.22 15.56
CA ASP A 218 26.73 -3.57 16.92
C ASP A 218 25.57 -4.23 17.62
N PHE A 219 24.33 -3.81 17.28
CA PHE A 219 23.13 -4.43 17.82
C PHE A 219 22.94 -5.78 17.13
N GLN A 220 23.08 -5.84 15.81
CA GLN A 220 22.86 -7.08 15.09
C GLN A 220 23.89 -8.11 15.51
N ARG A 221 25.15 -7.72 15.60
CA ARG A 221 26.21 -8.63 16.00
C ARG A 221 25.98 -9.10 17.42
N TRP A 222 25.51 -8.21 18.31
CA TRP A 222 25.16 -8.62 19.67
C TRP A 222 24.06 -9.65 19.61
N GLN A 223 23.02 -9.48 18.79
CA GLN A 223 21.94 -10.47 18.77
C GLN A 223 22.41 -11.86 18.42
N ILE A 224 23.21 -11.92 17.37
CA ILE A 224 23.81 -13.16 16.89
C ILE A 224 24.61 -13.83 18.00
N ALA A 225 25.36 -13.02 18.76
CA ALA A 225 26.16 -13.55 19.86
C ALA A 225 25.29 -14.01 21.02
N ASN A 226 24.24 -13.24 21.30
CA ASN A 226 23.34 -13.57 22.37
C ASN A 226 22.60 -14.90 22.15
N TYR A 227 22.28 -15.24 20.88
CA TYR A 227 21.46 -16.41 20.57
C TYR A 227 21.87 -16.90 19.21
N LYS A 228 22.83 -17.82 19.19
CA LYS A 228 23.40 -18.34 17.97
C LYS A 228 22.37 -18.95 17.01
N PRO A 229 22.27 -18.33 15.82
CA PRO A 229 21.44 -18.76 14.71
C PRO A 229 21.99 -20.05 14.17
N ASP A 230 21.22 -20.84 13.45
CA ASP A 230 21.75 -22.03 12.82
C ASP A 230 22.60 -21.60 11.66
N LYS A 231 22.31 -20.48 11.03
CA LYS A 231 23.05 -20.02 9.88
C LYS A 231 22.95 -18.50 9.83
N VAL A 232 23.97 -17.78 9.34
CA VAL A 232 23.96 -16.33 9.22
C VAL A 232 24.35 -15.97 7.81
N TYR A 233 23.66 -15.04 7.16
CA TYR A 233 24.01 -14.63 5.82
C TYR A 233 24.10 -13.15 5.90
N GLN A 234 25.22 -12.57 5.55
CA GLN A 234 25.39 -11.13 5.66
C GLN A 234 25.35 -10.59 4.26
N VAL A 235 24.43 -9.73 3.86
CA VAL A 235 24.40 -9.24 2.50
C VAL A 235 25.29 -8.03 2.44
N GLN A 236 26.13 -7.88 1.44
CA GLN A 236 26.92 -6.67 1.37
C GLN A 236 26.03 -5.57 0.77
N GLY A 237 26.12 -4.34 1.29
CA GLY A 237 25.39 -3.20 0.74
C GLY A 237 23.93 -3.16 1.18
N GLY A 238 23.11 -2.54 0.33
CA GLY A 238 21.69 -2.42 0.61
C GLY A 238 21.43 -1.49 1.79
N ASP A 239 20.33 -1.74 2.50
CA ASP A 239 19.91 -0.91 3.63
C ASP A 239 18.99 -1.75 4.53
N HIS A 240 18.26 -1.22 5.50
CA HIS A 240 17.38 -1.99 6.36
C HIS A 240 16.37 -2.80 5.56
N LYS A 241 15.88 -2.27 4.44
CA LYS A 241 14.89 -2.94 3.62
C LYS A 241 15.58 -3.72 2.50
N LEU A 242 16.32 -4.77 2.84
CA LEU A 242 16.94 -5.65 1.85
C LEU A 242 15.95 -6.33 0.88
N GLN A 243 14.67 -6.52 1.26
CA GLN A 243 13.71 -7.11 0.34
C GLN A 243 13.35 -6.11 -0.76
N LEU A 244 13.73 -4.84 -0.59
CA LEU A 244 13.57 -3.86 -1.65
C LEU A 244 14.93 -3.53 -2.26
N THR A 245 16.03 -3.35 -1.50
CA THR A 245 17.30 -2.98 -2.09
C THR A 245 18.16 -4.13 -2.60
N LYS A 246 17.90 -5.37 -2.13
CA LYS A 246 18.65 -6.55 -2.51
C LYS A 246 17.68 -7.72 -2.75
N THR A 247 16.54 -7.47 -3.41
CA THR A 247 15.51 -8.48 -3.60
C THR A 247 16.02 -9.82 -4.12
N GLU A 248 16.88 -9.81 -5.15
CA GLU A 248 17.33 -11.06 -5.74
C GLU A 248 18.32 -11.78 -4.83
N GLU A 249 19.24 -11.08 -4.14
CA GLU A 249 20.11 -11.70 -3.18
C GLU A 249 19.30 -12.37 -2.11
N VAL A 250 18.31 -11.67 -1.60
CA VAL A 250 17.47 -12.25 -0.57
C VAL A 250 16.73 -13.47 -1.12
N ALA A 251 16.16 -13.44 -2.32
CA ALA A 251 15.45 -14.60 -2.85
C ALA A 251 16.38 -15.82 -3.00
N HIS A 252 17.65 -15.60 -3.35
CA HIS A 252 18.62 -16.67 -3.53
C HIS A 252 19.01 -17.28 -2.21
N ILE A 253 19.21 -16.46 -1.20
CA ILE A 253 19.47 -16.95 0.15
C ILE A 253 18.25 -17.75 0.58
N LEU A 254 17.04 -17.28 0.30
CA LEU A 254 15.87 -18.01 0.73
C LEU A 254 15.76 -19.28 -0.05
N GLN A 255 16.25 -19.39 -1.28
CA GLN A 255 16.27 -20.68 -1.96
C GLN A 255 17.15 -21.69 -1.21
N GLU A 256 18.25 -21.18 -0.68
CA GLU A 256 19.15 -22.02 0.08
C GLU A 256 18.53 -22.48 1.37
N VAL A 257 17.75 -21.66 2.08
CA VAL A 257 17.05 -22.06 3.30
C VAL A 257 16.03 -23.17 2.98
N ALA A 258 15.25 -23.04 1.89
CA ALA A 258 14.28 -24.03 1.43
C ALA A 258 15.04 -25.30 1.16
N ASP A 259 16.18 -25.26 0.48
CA ASP A 259 16.96 -26.45 0.22
C ASP A 259 17.41 -27.11 1.49
N ALA A 260 17.70 -26.36 2.52
CA ALA A 260 18.16 -26.98 3.74
C ALA A 260 17.08 -27.43 4.71
N TYR A 261 15.91 -26.79 4.76
CA TYR A 261 14.96 -27.05 5.83
C TYR A 261 13.55 -27.35 5.40
N ALA A 262 13.23 -27.08 4.16
CA ALA A 262 11.86 -27.23 3.75
C ALA A 262 11.66 -28.61 3.14
N MET B 5 9.85 25.28 -15.41
CA MET B 5 9.24 26.24 -16.35
C MET B 5 8.10 26.73 -15.45
N VAL B 6 6.78 26.74 -15.63
CA VAL B 6 5.88 27.06 -14.53
C VAL B 6 5.98 25.86 -13.55
N THR B 7 6.11 26.04 -12.24
CA THR B 7 5.97 24.95 -11.28
C THR B 7 4.54 25.08 -10.73
N ALA B 8 3.90 23.96 -10.37
CA ALA B 8 2.48 24.04 -10.02
C ALA B 8 2.24 23.13 -8.81
N HIS B 9 1.07 23.23 -8.22
CA HIS B 9 0.66 22.35 -7.15
C HIS B 9 -0.39 21.43 -7.78
N PHE B 10 -0.02 20.16 -7.89
CA PHE B 10 -0.92 19.13 -8.46
C PHE B 10 -1.59 18.34 -7.34
N VAL B 11 -2.86 18.02 -7.40
CA VAL B 11 -3.51 17.21 -6.39
C VAL B 11 -3.88 15.96 -7.16
N LEU B 12 -3.36 14.78 -6.84
CA LEU B 12 -3.58 13.53 -7.58
C LEU B 12 -4.71 12.69 -6.95
N ILE B 13 -5.67 12.19 -7.73
CA ILE B 13 -6.85 11.51 -7.20
C ILE B 13 -6.97 10.18 -7.91
N HIS B 14 -6.66 9.16 -7.12
CA HIS B 14 -6.83 7.77 -7.49
C HIS B 14 -8.31 7.43 -7.82
N THR B 15 -8.57 6.23 -8.37
CA THR B 15 -9.93 5.75 -8.69
C THR B 15 -10.51 4.85 -7.59
N ILE B 16 -11.80 4.50 -7.66
CA ILE B 16 -12.42 3.66 -6.65
C ILE B 16 -11.62 2.35 -6.47
N CYS B 17 -11.62 1.85 -5.22
CA CYS B 17 -10.90 0.65 -4.79
C CYS B 17 -9.41 0.88 -4.62
N HIS B 18 -8.77 1.90 -5.23
CA HIS B 18 -7.32 2.11 -5.16
C HIS B 18 -7.03 3.12 -4.04
N GLY B 19 -5.87 3.78 -4.05
CA GLY B 19 -5.56 4.75 -3.02
C GLY B 19 -4.43 5.62 -3.56
N ALA B 20 -3.89 6.50 -2.68
CA ALA B 20 -2.89 7.46 -3.07
C ALA B 20 -1.68 6.72 -3.54
N TRP B 21 -1.38 5.50 -3.02
CA TRP B 21 -0.30 4.61 -3.49
C TRP B 21 -0.19 4.45 -5.02
N ILE B 22 -1.26 4.59 -5.83
CA ILE B 22 -1.16 4.38 -7.27
C ILE B 22 -0.27 5.45 -7.89
N TRP B 23 -0.08 6.57 -7.20
CA TRP B 23 0.76 7.67 -7.64
C TRP B 23 2.18 7.61 -7.09
N HIS B 24 2.62 6.47 -6.54
CA HIS B 24 3.93 6.46 -5.93
C HIS B 24 5.05 6.68 -6.92
N LYS B 25 4.88 6.49 -8.23
CA LYS B 25 5.97 6.75 -9.15
C LYS B 25 5.82 8.14 -9.72
N LEU B 26 4.59 8.59 -9.97
CA LEU B 26 4.36 9.90 -10.57
C LEU B 26 4.68 11.00 -9.58
N LYS B 27 4.30 10.93 -8.30
CA LYS B 27 4.62 12.00 -7.36
C LYS B 27 6.11 12.38 -7.29
N PRO B 28 7.14 11.50 -7.13
CA PRO B 28 8.55 11.89 -7.21
C PRO B 28 8.96 12.46 -8.55
N ALA B 29 8.42 11.95 -9.65
CA ALA B 29 8.72 12.43 -11.01
C ALA B 29 8.40 13.93 -11.09
N LEU B 30 7.20 14.31 -10.67
CA LEU B 30 6.78 15.70 -10.69
C LEU B 30 7.56 16.56 -9.72
N GLU B 31 7.91 16.00 -8.56
CA GLU B 31 8.69 16.74 -7.60
C GLU B 31 10.11 16.98 -8.08
N ARG B 32 10.69 16.11 -8.90
CA ARG B 32 11.97 16.36 -9.53
C ARG B 32 11.89 17.62 -10.40
N ALA B 33 10.74 18.02 -10.98
CA ALA B 33 10.66 19.23 -11.80
C ALA B 33 10.22 20.51 -11.03
N GLY B 34 10.22 20.44 -9.70
CA GLY B 34 9.94 21.59 -8.89
C GLY B 34 8.49 21.68 -8.47
N HIS B 35 7.60 20.75 -8.84
CA HIS B 35 6.18 20.88 -8.47
C HIS B 35 5.90 20.44 -7.02
N LYS B 36 4.80 20.96 -6.48
CA LYS B 36 4.33 20.59 -5.17
C LYS B 36 3.23 19.59 -5.49
N VAL B 37 3.22 18.42 -4.82
CA VAL B 37 2.31 17.34 -5.15
C VAL B 37 1.64 16.90 -3.86
N THR B 38 0.32 16.77 -3.94
CA THR B 38 -0.52 16.24 -2.88
C THR B 38 -1.25 14.99 -3.43
N ALA B 39 -1.05 13.78 -2.91
CA ALA B 39 -1.76 12.60 -3.34
C ALA B 39 -2.70 12.21 -2.19
N LEU B 40 -4.03 12.25 -2.39
CA LEU B 40 -5.00 12.01 -1.34
C LEU B 40 -5.69 10.65 -1.44
N ASP B 41 -5.97 10.03 -0.29
CA ASP B 41 -6.81 8.82 -0.22
C ASP B 41 -8.25 9.33 -0.11
N MET B 42 -9.17 8.78 -0.90
CA MET B 42 -10.54 9.24 -0.81
C MET B 42 -11.11 8.41 0.33
N ALA B 43 -12.35 8.61 0.72
CA ALA B 43 -12.94 7.90 1.84
C ALA B 43 -12.84 6.41 1.55
N ALA B 44 -12.63 5.59 2.59
CA ALA B 44 -12.53 4.14 2.49
C ALA B 44 -11.61 3.62 1.40
N SER B 45 -10.53 4.35 1.06
CA SER B 45 -9.63 3.96 -0.01
C SER B 45 -8.22 4.05 0.54
N GLY B 46 -7.26 3.31 0.01
CA GLY B 46 -5.88 3.31 0.52
C GLY B 46 -5.84 3.00 2.02
N ILE B 47 -5.20 3.82 2.87
CA ILE B 47 -5.24 3.60 4.32
C ILE B 47 -6.26 4.51 5.03
N ASP B 48 -7.25 5.13 4.34
CA ASP B 48 -8.30 5.90 4.98
C ASP B 48 -9.00 4.97 5.96
N PRO B 49 -9.28 5.34 7.19
CA PRO B 49 -9.84 4.45 8.17
C PRO B 49 -11.32 4.13 8.05
N ARG B 50 -12.06 4.81 7.16
CA ARG B 50 -13.47 4.54 7.01
C ARG B 50 -13.69 3.27 6.21
N GLN B 51 -14.80 2.55 6.44
CA GLN B 51 -15.14 1.38 5.64
C GLN B 51 -16.13 1.84 4.59
N ILE B 52 -16.19 1.20 3.42
CA ILE B 52 -17.04 1.69 2.32
C ILE B 52 -18.52 1.70 2.69
N GLU B 53 -18.92 0.84 3.63
CA GLU B 53 -20.31 0.76 4.01
C GLU B 53 -20.82 1.94 4.80
N GLN B 54 -19.91 2.82 5.25
CA GLN B 54 -20.37 4.00 5.92
C GLN B 54 -20.36 5.20 5.01
N ILE B 55 -20.10 5.03 3.71
CA ILE B 55 -20.07 6.11 2.75
C ILE B 55 -21.40 6.05 2.00
N ASN B 56 -22.14 7.15 1.84
CA ASN B 56 -23.49 7.07 1.27
C ASN B 56 -23.70 7.66 -0.09
N SER B 57 -22.66 8.31 -0.64
CA SER B 57 -22.74 8.88 -1.97
C SER B 57 -21.31 9.12 -2.43
N PHE B 58 -21.24 9.46 -3.73
CA PHE B 58 -19.95 9.76 -4.32
C PHE B 58 -19.48 11.13 -3.80
N ASP B 59 -20.36 12.04 -3.45
CA ASP B 59 -19.93 13.32 -2.90
C ASP B 59 -19.32 13.08 -1.53
N GLU B 60 -19.88 12.19 -0.68
CA GLU B 60 -19.28 11.85 0.60
C GLU B 60 -17.96 11.13 0.40
N TYR B 61 -17.87 10.24 -0.58
CA TYR B 61 -16.60 9.60 -0.94
C TYR B 61 -15.46 10.62 -1.23
N SER B 62 -15.80 11.77 -1.86
CA SER B 62 -14.87 12.82 -2.28
C SER B 62 -14.45 13.68 -1.12
N GLU B 63 -14.92 13.43 0.11
CA GLU B 63 -14.67 14.35 1.21
C GLU B 63 -13.21 14.71 1.39
N PRO B 64 -12.18 13.81 1.37
CA PRO B 64 -10.79 14.21 1.50
C PRO B 64 -10.42 15.30 0.52
N LEU B 65 -10.93 15.25 -0.71
CA LEU B 65 -10.62 16.29 -1.68
C LEU B 65 -11.31 17.60 -1.29
N LEU B 66 -12.57 17.54 -0.93
CA LEU B 66 -13.27 18.76 -0.64
C LEU B 66 -12.71 19.40 0.63
N THR B 67 -12.28 18.65 1.68
CA THR B 67 -11.70 19.26 2.86
C THR B 67 -10.39 19.96 2.54
N PHE B 68 -9.56 19.28 1.77
CA PHE B 68 -8.31 19.82 1.31
C PHE B 68 -8.53 21.14 0.57
N LEU B 69 -9.45 21.17 -0.38
CA LEU B 69 -9.72 22.37 -1.15
C LEU B 69 -10.32 23.42 -0.25
N GLU B 70 -11.16 23.05 0.71
CA GLU B 70 -11.71 23.99 1.65
C GLU B 70 -10.60 24.69 2.39
N LYS B 71 -9.54 23.99 2.77
CA LYS B 71 -8.45 24.60 3.50
C LYS B 71 -7.37 25.27 2.66
N LEU B 72 -7.35 25.17 1.33
CA LEU B 72 -6.28 25.69 0.51
C LEU B 72 -6.18 27.17 0.80
N PRO B 73 -4.98 27.70 1.06
CA PRO B 73 -4.82 29.11 1.32
C PRO B 73 -5.36 29.93 0.14
N GLN B 74 -5.95 31.04 0.58
CA GLN B 74 -6.54 32.07 -0.28
C GLN B 74 -5.54 32.48 -1.34
N GLY B 75 -6.05 32.39 -2.57
CA GLY B 75 -5.23 32.74 -3.70
C GLY B 75 -4.51 31.56 -4.30
N GLU B 76 -4.37 30.39 -3.69
CA GLU B 76 -3.70 29.31 -4.35
C GLU B 76 -4.68 28.56 -5.23
N LYS B 77 -4.17 28.14 -6.39
CA LYS B 77 -4.86 27.28 -7.34
C LYS B 77 -4.14 25.96 -7.56
N VAL B 78 -4.86 24.87 -7.78
CA VAL B 78 -4.25 23.57 -7.98
C VAL B 78 -4.66 22.98 -9.31
N ILE B 79 -3.91 21.98 -9.79
CA ILE B 79 -4.32 21.23 -10.95
C ILE B 79 -4.73 19.87 -10.39
N ILE B 80 -5.98 19.45 -10.51
CA ILE B 80 -6.44 18.17 -10.00
C ILE B 80 -6.25 17.16 -11.13
N VAL B 81 -5.52 16.07 -10.90
CA VAL B 81 -5.33 15.03 -11.90
C VAL B 81 -6.09 13.81 -11.39
N GLY B 82 -7.01 13.27 -12.18
CA GLY B 82 -7.86 12.18 -11.75
C GLY B 82 -7.79 11.04 -12.71
N GLU B 83 -7.65 9.82 -12.20
CA GLU B 83 -7.61 8.65 -13.05
C GLU B 83 -8.94 7.88 -12.96
N SER B 84 -9.31 7.26 -14.07
CA SER B 84 -10.47 6.37 -14.22
C SER B 84 -11.77 6.92 -13.64
N CYS B 85 -12.30 6.51 -12.49
CA CYS B 85 -13.50 7.09 -11.94
C CYS B 85 -13.26 8.46 -11.39
N ALA B 86 -12.02 8.86 -11.08
CA ALA B 86 -11.83 10.14 -10.44
C ALA B 86 -12.25 11.37 -11.23
N GLY B 87 -12.61 11.28 -12.50
CA GLY B 87 -13.24 12.36 -13.25
C GLY B 87 -14.52 12.77 -12.52
N LEU B 88 -15.28 11.90 -11.86
CA LEU B 88 -16.42 12.35 -11.07
C LEU B 88 -16.03 13.16 -9.83
N ASN B 89 -14.89 12.86 -9.19
CA ASN B 89 -14.35 13.64 -8.09
C ASN B 89 -13.92 15.02 -8.58
N ILE B 90 -13.29 15.14 -9.78
CA ILE B 90 -12.96 16.43 -10.32
C ILE B 90 -14.23 17.27 -10.55
N ALA B 91 -15.30 16.74 -11.15
CA ALA B 91 -16.53 17.47 -11.39
C ALA B 91 -17.28 17.95 -10.11
N ILE B 92 -17.43 17.05 -9.10
CA ILE B 92 -17.96 17.38 -7.76
C ILE B 92 -17.12 18.50 -7.13
N ALA B 93 -15.77 18.40 -7.11
CA ALA B 93 -14.93 19.41 -6.50
C ALA B 93 -14.99 20.77 -7.19
N ALA B 94 -15.06 20.74 -8.53
CA ALA B 94 -15.06 21.95 -9.36
C ALA B 94 -16.35 22.71 -9.21
N ASP B 95 -17.47 22.01 -8.91
CA ASP B 95 -18.70 22.72 -8.63
C ASP B 95 -18.71 23.48 -7.35
N ARG B 96 -17.91 23.05 -6.40
CA ARG B 96 -17.81 23.66 -5.09
C ARG B 96 -16.72 24.68 -4.92
N TYR B 97 -15.62 24.52 -5.68
CA TYR B 97 -14.41 25.33 -5.52
C TYR B 97 -13.84 25.75 -6.85
N VAL B 98 -14.67 26.14 -7.81
CA VAL B 98 -14.17 26.50 -9.12
C VAL B 98 -12.98 27.47 -9.14
N ASP B 99 -12.92 28.40 -8.20
CA ASP B 99 -11.84 29.35 -8.30
C ASP B 99 -10.55 28.92 -7.69
N LYS B 100 -10.48 27.70 -7.14
CA LYS B 100 -9.24 27.23 -6.60
C LYS B 100 -8.58 26.30 -7.60
N ILE B 101 -9.21 26.12 -8.75
CA ILE B 101 -8.77 25.13 -9.69
C ILE B 101 -8.19 25.69 -10.97
N ALA B 102 -6.88 25.58 -11.18
CA ALA B 102 -6.24 26.01 -12.43
C ALA B 102 -6.68 25.15 -13.63
N ALA B 103 -6.87 23.82 -13.51
CA ALA B 103 -7.35 22.97 -14.59
C ALA B 103 -7.67 21.56 -14.06
N GLY B 104 -8.54 20.75 -14.70
CA GLY B 104 -8.77 19.36 -14.37
C GLY B 104 -8.09 18.48 -15.44
N VAL B 105 -7.35 17.44 -15.05
CA VAL B 105 -6.69 16.57 -16.00
C VAL B 105 -7.28 15.20 -15.76
N PHE B 106 -7.71 14.55 -16.83
CA PHE B 106 -8.42 13.28 -16.79
C PHE B 106 -7.44 12.28 -17.37
N HIS B 107 -7.06 11.26 -16.59
CA HIS B 107 -6.06 10.26 -16.97
C HIS B 107 -6.83 8.96 -17.15
N ASN B 108 -7.08 8.56 -18.39
CA ASN B 108 -7.89 7.39 -18.75
C ASN B 108 -9.12 7.34 -17.85
N SER B 109 -9.78 8.51 -17.81
CA SER B 109 -10.83 8.80 -16.88
C SER B 109 -12.19 9.06 -17.48
N LEU B 110 -13.22 8.88 -16.67
CA LEU B 110 -14.56 9.34 -16.97
C LEU B 110 -14.47 10.84 -17.22
N LEU B 111 -15.11 11.37 -18.24
CA LEU B 111 -15.16 12.79 -18.47
C LEU B 111 -16.67 13.18 -18.37
N PRO B 112 -17.21 13.49 -17.18
CA PRO B 112 -18.58 13.92 -17.03
C PRO B 112 -18.90 15.20 -17.82
N ASP B 113 -20.18 15.49 -18.06
CA ASP B 113 -20.58 16.73 -18.75
C ASP B 113 -21.63 17.46 -17.92
N THR B 114 -22.26 18.51 -18.44
CA THR B 114 -23.27 19.22 -17.66
C THR B 114 -24.69 18.97 -18.15
N VAL B 115 -24.73 18.44 -19.37
CA VAL B 115 -25.96 18.14 -20.10
C VAL B 115 -26.71 16.90 -19.63
N HIS B 116 -26.06 15.83 -19.24
CA HIS B 116 -26.79 14.64 -18.88
C HIS B 116 -26.59 14.50 -17.40
N SER B 117 -27.20 13.49 -16.81
CA SER B 117 -27.07 13.10 -15.39
C SER B 117 -25.59 12.91 -15.05
N PRO B 118 -25.17 13.12 -13.78
CA PRO B 118 -23.87 12.63 -13.26
C PRO B 118 -23.56 11.16 -13.54
N SER B 119 -24.52 10.23 -13.62
CA SER B 119 -24.21 8.84 -13.88
C SER B 119 -24.03 8.48 -15.33
N TYR B 120 -24.24 9.42 -16.24
CA TYR B 120 -24.21 9.15 -17.65
C TYR B 120 -22.96 8.51 -18.19
N THR B 121 -21.75 8.97 -17.89
CA THR B 121 -20.59 8.32 -18.46
C THR B 121 -20.35 7.00 -17.78
N VAL B 122 -20.90 6.75 -16.58
CA VAL B 122 -20.76 5.47 -15.88
C VAL B 122 -21.59 4.47 -16.68
N GLU B 123 -22.81 4.88 -17.09
CA GLU B 123 -23.68 4.04 -17.93
C GLU B 123 -23.01 3.61 -19.19
N LYS B 124 -22.39 4.60 -19.82
CA LYS B 124 -21.65 4.37 -21.01
C LYS B 124 -20.45 3.42 -20.85
N LEU B 125 -19.62 3.57 -19.80
CA LEU B 125 -18.50 2.69 -19.54
C LEU B 125 -18.99 1.27 -19.37
N LEU B 126 -20.02 1.09 -18.57
CA LEU B 126 -20.48 -0.24 -18.26
C LEU B 126 -21.12 -0.88 -19.48
N GLU B 127 -21.64 -0.09 -20.39
CA GLU B 127 -22.11 -0.59 -21.65
C GLU B 127 -20.94 -1.01 -22.51
N SER B 128 -19.83 -0.26 -22.54
CA SER B 128 -18.63 -0.66 -23.28
C SER B 128 -17.91 -1.82 -22.67
N PHE B 129 -17.93 -1.99 -21.35
CA PHE B 129 -17.14 -3.03 -20.75
C PHE B 129 -18.08 -3.63 -19.75
N PRO B 130 -19.03 -4.48 -20.15
CA PRO B 130 -20.03 -5.03 -19.25
C PRO B 130 -19.59 -6.16 -18.34
N ASP B 131 -18.48 -6.85 -18.62
CA ASP B 131 -18.08 -7.93 -17.76
C ASP B 131 -16.76 -7.68 -17.07
N ALA B 132 -16.86 -7.56 -15.74
CA ALA B 132 -15.74 -7.31 -14.86
C ALA B 132 -15.05 -8.61 -14.47
N ARG B 133 -15.33 -9.65 -15.25
CA ARG B 133 -14.71 -10.93 -15.20
C ARG B 133 -14.78 -11.58 -13.82
N ASP B 134 -13.70 -11.74 -13.05
CA ASP B 134 -13.75 -12.32 -11.73
C ASP B 134 -14.05 -11.30 -10.62
N THR B 135 -14.51 -10.10 -10.90
CA THR B 135 -14.87 -9.17 -9.85
C THR B 135 -16.08 -9.68 -9.06
N GLU B 136 -16.05 -9.48 -7.74
CA GLU B 136 -17.14 -9.86 -6.88
C GLU B 136 -17.89 -8.62 -6.46
N TYR B 137 -19.21 -8.76 -6.26
CA TYR B 137 -20.06 -7.66 -5.89
C TYR B 137 -20.73 -7.93 -4.58
N PHE B 138 -21.17 -6.89 -3.87
CA PHE B 138 -21.81 -6.97 -2.58
C PHE B 138 -22.75 -5.79 -2.51
N THR B 139 -23.67 -5.70 -1.53
CA THR B 139 -24.53 -4.53 -1.39
C THR B 139 -24.71 -4.22 0.09
N PHE B 140 -25.02 -2.95 0.38
CA PHE B 140 -25.41 -2.57 1.72
C PHE B 140 -26.48 -1.53 1.54
N THR B 141 -27.23 -1.16 2.59
CA THR B 141 -28.22 -0.10 2.48
C THR B 141 -27.61 1.14 3.09
N ASN B 142 -27.74 2.30 2.46
CA ASN B 142 -27.12 3.47 2.98
C ASN B 142 -28.06 4.14 3.95
N ILE B 143 -27.66 5.26 4.55
CA ILE B 143 -28.41 5.78 5.67
C ILE B 143 -29.78 6.27 5.23
N THR B 144 -30.02 6.53 3.95
CA THR B 144 -31.35 6.90 3.54
C THR B 144 -32.09 5.74 2.87
N GLY B 145 -31.66 4.48 2.99
CA GLY B 145 -32.42 3.38 2.46
C GLY B 145 -32.00 2.90 1.08
N GLU B 146 -31.16 3.60 0.33
CA GLU B 146 -30.77 3.17 -1.00
C GLU B 146 -29.85 1.97 -0.84
N THR B 147 -29.93 1.01 -1.75
CA THR B 147 -29.03 -0.15 -1.82
C THR B 147 -27.80 0.26 -2.63
N ILE B 148 -26.62 0.13 -2.05
CA ILE B 148 -25.39 0.52 -2.70
C ILE B 148 -24.69 -0.77 -3.07
N THR B 149 -24.17 -0.83 -4.28
CA THR B 149 -23.42 -2.00 -4.68
C THR B 149 -21.92 -1.70 -4.55
N THR B 150 -21.15 -2.59 -3.89
CA THR B 150 -19.71 -2.44 -3.79
C THR B 150 -19.08 -3.55 -4.59
N MET B 151 -17.79 -3.49 -4.83
CA MET B 151 -17.15 -4.58 -5.52
C MET B 151 -15.77 -4.80 -4.96
N LYS B 152 -15.25 -6.00 -5.17
CA LYS B 152 -13.88 -6.33 -4.82
C LYS B 152 -13.37 -6.71 -6.21
N LEU B 153 -12.44 -5.95 -6.81
CA LEU B 153 -11.96 -6.21 -8.16
C LEU B 153 -11.22 -7.54 -8.21
N GLY B 154 -11.48 -8.35 -9.25
CA GLY B 154 -10.87 -9.66 -9.38
C GLY B 154 -9.43 -9.55 -9.79
N PHE B 155 -8.57 -10.46 -9.38
CA PHE B 155 -7.17 -10.37 -9.71
C PHE B 155 -6.85 -10.65 -11.16
N VAL B 156 -7.66 -11.41 -11.90
CA VAL B 156 -7.46 -11.57 -13.35
C VAL B 156 -7.75 -10.28 -14.09
N LEU B 157 -8.85 -9.66 -13.66
CA LEU B 157 -9.22 -8.37 -14.20
C LEU B 157 -8.05 -7.42 -13.91
N LEU B 158 -7.55 -7.39 -12.67
CA LEU B 158 -6.41 -6.52 -12.30
C LEU B 158 -5.17 -6.72 -13.18
N ARG B 159 -4.82 -7.98 -13.42
CA ARG B 159 -3.63 -8.27 -14.22
C ARG B 159 -3.80 -7.99 -15.71
N GLU B 160 -4.92 -8.39 -16.28
CA GLU B 160 -5.07 -8.31 -17.72
C GLU B 160 -5.68 -7.01 -18.17
N ASN B 161 -6.59 -6.42 -17.40
CA ASN B 161 -7.28 -5.23 -17.88
C ASN B 161 -6.82 -3.89 -17.35
N LEU B 162 -6.58 -3.81 -16.05
CA LEU B 162 -6.12 -2.60 -15.44
C LEU B 162 -4.62 -2.42 -15.49
N PHE B 163 -3.86 -3.41 -14.98
CA PHE B 163 -2.40 -3.38 -14.85
C PHE B 163 -1.69 -4.14 -15.95
N THR B 164 -2.28 -4.18 -17.14
CA THR B 164 -1.83 -4.95 -18.28
C THR B 164 -0.34 -5.00 -18.52
N LYS B 165 0.32 -3.85 -18.59
CA LYS B 165 1.75 -3.79 -18.91
C LYS B 165 2.60 -3.45 -17.68
N CYS B 166 1.99 -3.47 -16.49
CA CYS B 166 2.74 -3.11 -15.29
C CYS B 166 3.67 -4.24 -14.90
N THR B 167 4.77 -3.86 -14.27
CA THR B 167 5.68 -4.87 -13.75
C THR B 167 4.97 -5.69 -12.68
N ASP B 168 5.56 -6.86 -12.50
CA ASP B 168 5.11 -7.79 -11.52
C ASP B 168 5.14 -7.20 -10.14
N GLY B 169 6.15 -6.36 -9.85
CA GLY B 169 6.20 -5.67 -8.57
C GLY B 169 5.04 -4.72 -8.40
N GLU B 170 4.55 -4.11 -9.49
CA GLU B 170 3.44 -3.19 -9.35
C GLU B 170 2.11 -3.88 -9.22
N TYR B 171 1.93 -4.95 -10.00
CA TYR B 171 0.70 -5.74 -9.91
C TYR B 171 0.59 -6.36 -8.50
N GLU B 172 1.70 -6.87 -7.95
CA GLU B 172 1.67 -7.45 -6.63
C GLU B 172 1.31 -6.42 -5.58
N LEU B 173 1.85 -5.20 -5.66
CA LEU B 173 1.49 -4.12 -4.75
C LEU B 173 0.00 -3.89 -4.84
N ALA B 174 -0.56 -3.84 -6.06
CA ALA B 174 -1.97 -3.58 -6.24
C ALA B 174 -2.80 -4.60 -5.48
N LYS B 175 -2.46 -5.90 -5.60
CA LYS B 175 -3.18 -6.90 -4.86
C LYS B 175 -3.01 -6.75 -3.36
N MET B 176 -1.88 -6.25 -2.85
CA MET B 176 -1.66 -6.15 -1.42
C MET B 176 -2.42 -5.02 -0.81
N VAL B 177 -2.84 -4.00 -1.54
CA VAL B 177 -3.49 -2.87 -0.88
C VAL B 177 -4.82 -2.49 -1.45
N MET B 178 -5.35 -3.22 -2.42
CA MET B 178 -6.66 -2.88 -2.98
C MET B 178 -7.80 -3.13 -2.02
N ARG B 179 -8.76 -2.21 -2.08
CA ARG B 179 -9.89 -2.21 -1.19
C ARG B 179 -11.17 -2.26 -1.98
N LYS B 180 -12.26 -2.48 -1.28
CA LYS B 180 -13.55 -2.44 -1.91
C LYS B 180 -13.87 -1.03 -2.40
N GLY B 181 -14.78 -0.88 -3.37
CA GLY B 181 -15.16 0.44 -3.85
C GLY B 181 -16.59 0.41 -4.32
N SER B 182 -17.12 1.55 -4.76
CA SER B 182 -18.48 1.65 -5.26
C SER B 182 -18.57 2.81 -6.23
N LEU B 183 -19.38 2.63 -7.26
CA LEU B 183 -19.68 3.71 -8.19
C LEU B 183 -20.81 4.53 -7.62
N PHE B 184 -21.59 4.13 -6.59
CA PHE B 184 -22.78 4.84 -6.14
C PHE B 184 -23.62 5.23 -7.35
N GLN B 185 -23.76 4.33 -8.35
CA GLN B 185 -24.33 4.71 -9.66
C GLN B 185 -25.74 5.26 -9.59
N ASN B 186 -26.57 4.56 -8.81
CA ASN B 186 -27.95 4.95 -8.55
C ASN B 186 -28.08 6.24 -7.78
N VAL B 187 -27.11 6.59 -6.94
CA VAL B 187 -27.21 7.84 -6.21
C VAL B 187 -26.79 8.93 -7.19
N LEU B 188 -25.82 8.66 -8.07
CA LEU B 188 -25.39 9.58 -9.12
C LEU B 188 -26.53 9.84 -10.09
N ALA B 189 -27.32 8.83 -10.44
CA ALA B 189 -28.52 8.97 -11.26
C ALA B 189 -29.50 10.00 -10.75
N GLN B 190 -29.57 10.06 -9.42
CA GLN B 190 -30.45 10.96 -8.73
C GLN B 190 -29.80 12.30 -8.49
N ARG B 191 -28.51 12.51 -8.70
CA ARG B 191 -27.82 13.76 -8.39
C ARG B 191 -28.12 14.83 -9.43
N PRO B 192 -28.28 16.13 -9.02
CA PRO B 192 -28.33 17.26 -9.93
C PRO B 192 -27.11 17.25 -10.78
N LYS B 193 -27.32 17.67 -12.00
CA LYS B 193 -26.23 17.72 -12.95
C LYS B 193 -25.21 18.73 -12.48
N PHE B 194 -23.99 18.53 -12.99
CA PHE B 194 -22.85 19.41 -12.76
C PHE B 194 -23.13 20.75 -13.41
N THR B 195 -22.73 21.85 -12.78
CA THR B 195 -23.17 23.14 -13.21
C THR B 195 -22.24 23.64 -14.28
N GLU B 196 -22.77 24.60 -15.03
CA GLU B 196 -22.02 25.23 -16.07
C GLU B 196 -21.08 26.22 -15.43
N LYS B 197 -21.55 26.88 -14.39
CA LYS B 197 -20.77 27.87 -13.67
C LYS B 197 -19.52 27.28 -13.04
N GLY B 198 -19.56 26.06 -12.48
CA GLY B 198 -18.44 25.50 -11.75
C GLY B 198 -17.64 24.60 -12.67
N TYR B 199 -18.02 23.32 -12.68
CA TYR B 199 -17.35 22.29 -13.45
C TYR B 199 -17.30 22.68 -14.90
N GLY B 200 -18.45 23.10 -15.45
CA GLY B 200 -18.54 23.48 -16.84
C GLY B 200 -17.46 24.48 -17.23
N SER B 201 -17.06 25.39 -16.35
CA SER B 201 -16.11 26.40 -16.69
C SER B 201 -14.64 26.01 -16.58
N ILE B 202 -14.21 24.93 -15.89
CA ILE B 202 -12.79 24.76 -15.70
C ILE B 202 -12.10 24.27 -16.99
N LYS B 203 -10.80 24.48 -17.09
CA LYS B 203 -9.99 23.96 -18.18
C LYS B 203 -9.87 22.47 -18.04
N LYS B 204 -9.86 21.71 -19.12
CA LYS B 204 -9.92 20.27 -19.08
C LYS B 204 -8.97 19.66 -20.10
N VAL B 205 -8.06 18.83 -19.63
CA VAL B 205 -7.06 18.16 -20.45
C VAL B 205 -7.29 16.66 -20.34
N TYR B 206 -7.37 15.92 -21.43
CA TYR B 206 -7.70 14.51 -21.38
C TYR B 206 -6.48 13.72 -21.82
N ILE B 207 -5.92 12.87 -20.98
CA ILE B 207 -4.80 12.02 -21.33
C ILE B 207 -5.26 10.58 -21.49
N TRP B 208 -4.87 9.84 -22.52
CA TRP B 208 -5.32 8.48 -22.68
C TRP B 208 -4.35 7.74 -23.59
N THR B 209 -4.54 6.42 -23.66
CA THR B 209 -3.80 5.57 -24.57
C THR B 209 -4.84 4.62 -25.17
N ASP B 210 -4.63 4.29 -26.45
CA ASP B 210 -5.47 3.33 -27.16
C ASP B 210 -5.16 1.89 -26.78
N GLN B 211 -4.12 1.70 -25.97
CA GLN B 211 -3.78 0.40 -25.49
C GLN B 211 -4.42 0.10 -24.15
N ASP B 212 -5.32 0.97 -23.68
CA ASP B 212 -5.99 0.75 -22.43
C ASP B 212 -6.93 -0.42 -22.65
N LYS B 213 -6.86 -1.42 -21.78
CA LYS B 213 -7.71 -2.61 -21.93
C LYS B 213 -8.97 -2.71 -21.08
N ILE B 214 -9.39 -1.61 -20.49
CA ILE B 214 -10.58 -1.58 -19.68
C ILE B 214 -11.34 -0.31 -20.10
N PHE B 215 -10.76 0.92 -20.28
CA PHE B 215 -11.45 2.07 -20.88
C PHE B 215 -11.00 1.99 -22.35
N LEU B 216 -11.79 1.23 -23.10
CA LEU B 216 -11.47 0.87 -24.47
C LEU B 216 -11.52 2.04 -25.43
N PRO B 217 -10.78 2.06 -26.56
CA PRO B 217 -10.60 3.20 -27.45
C PRO B 217 -11.89 3.84 -27.85
N ASP B 218 -12.86 2.99 -28.18
CA ASP B 218 -14.17 3.46 -28.62
C ASP B 218 -14.94 4.21 -27.55
N PHE B 219 -14.81 3.82 -26.26
CA PHE B 219 -15.49 4.54 -25.21
C PHE B 219 -14.73 5.88 -25.00
N GLN B 220 -13.40 5.82 -25.04
CA GLN B 220 -12.63 7.01 -24.82
C GLN B 220 -12.86 7.99 -25.92
N ARG B 221 -12.93 7.55 -27.17
CA ARG B 221 -13.20 8.49 -28.25
C ARG B 221 -14.60 9.01 -28.19
N TRP B 222 -15.56 8.19 -27.74
CA TRP B 222 -16.94 8.65 -27.52
C TRP B 222 -16.97 9.80 -26.51
N GLN B 223 -16.27 9.65 -25.39
CA GLN B 223 -16.24 10.67 -24.35
C GLN B 223 -15.74 12.01 -24.85
N ILE B 224 -14.68 11.97 -25.65
CA ILE B 224 -14.06 13.17 -26.19
C ILE B 224 -15.05 13.87 -27.16
N ALA B 225 -15.75 13.07 -27.95
CA ALA B 225 -16.75 13.55 -28.87
C ALA B 225 -17.88 14.15 -28.08
N ASN B 226 -18.28 13.49 -27.00
CA ASN B 226 -19.42 13.94 -26.22
C ASN B 226 -19.15 15.23 -25.46
N TYR B 227 -17.94 15.57 -25.05
CA TYR B 227 -17.72 16.78 -24.27
C TYR B 227 -16.27 17.09 -24.59
N LYS B 228 -15.99 17.81 -25.68
CA LYS B 228 -14.64 17.99 -26.18
C LYS B 228 -13.76 18.74 -25.18
N PRO B 229 -12.64 18.16 -24.66
CA PRO B 229 -11.68 18.80 -23.77
C PRO B 229 -10.98 19.97 -24.42
N ASP B 230 -10.30 20.80 -23.64
CA ASP B 230 -9.50 21.87 -24.21
C ASP B 230 -8.30 21.32 -24.97
N LYS B 231 -7.73 20.23 -24.44
CA LYS B 231 -6.57 19.55 -25.02
C LYS B 231 -6.70 18.04 -24.76
N VAL B 232 -6.39 17.21 -25.73
CA VAL B 232 -6.37 15.75 -25.62
C VAL B 232 -4.93 15.36 -25.93
N TYR B 233 -4.26 14.63 -25.02
CA TYR B 233 -2.93 14.10 -25.31
C TYR B 233 -3.04 12.60 -25.41
N GLN B 234 -2.58 11.98 -26.48
CA GLN B 234 -2.65 10.54 -26.57
C GLN B 234 -1.23 9.99 -26.42
N VAL B 235 -1.02 9.11 -25.44
CA VAL B 235 0.28 8.52 -25.17
C VAL B 235 0.31 7.21 -25.95
N GLN B 236 1.41 6.84 -26.60
CA GLN B 236 1.47 5.57 -27.30
C GLN B 236 1.77 4.43 -26.35
N GLY B 237 1.04 3.32 -26.48
CA GLY B 237 1.36 2.14 -25.70
C GLY B 237 0.94 2.22 -24.23
N GLY B 238 1.68 1.62 -23.28
CA GLY B 238 1.31 1.65 -21.87
C GLY B 238 0.03 0.84 -21.67
N ASP B 239 -0.77 1.20 -20.68
CA ASP B 239 -1.97 0.44 -20.37
C ASP B 239 -2.89 1.41 -19.66
N HIS B 240 -3.93 0.92 -18.98
CA HIS B 240 -4.78 1.77 -18.19
C HIS B 240 -4.05 2.59 -17.14
N LYS B 241 -2.98 2.07 -16.53
CA LYS B 241 -2.29 2.80 -15.49
C LYS B 241 -1.10 3.52 -16.05
N LEU B 242 -1.27 4.48 -16.94
CA LEU B 242 -0.13 5.24 -17.49
C LEU B 242 0.73 5.92 -16.43
N GLN B 243 0.23 6.21 -15.22
CA GLN B 243 1.10 6.83 -14.23
C GLN B 243 2.13 5.83 -13.73
N LEU B 244 1.96 4.52 -14.06
CA LEU B 244 2.92 3.47 -13.74
C LEU B 244 3.70 3.06 -14.97
N THR B 245 3.03 2.85 -16.11
CA THR B 245 3.72 2.43 -17.33
C THR B 245 4.30 3.53 -18.21
N LYS B 246 3.88 4.77 -18.09
CA LYS B 246 4.40 5.84 -18.91
C LYS B 246 4.63 7.02 -17.97
N THR B 247 5.25 6.78 -16.81
CA THR B 247 5.38 7.81 -15.81
C THR B 247 6.06 9.08 -16.33
N GLU B 248 7.15 8.99 -17.09
CA GLU B 248 7.78 10.22 -17.51
C GLU B 248 6.97 10.96 -18.59
N GLU B 249 6.16 10.26 -19.38
CA GLU B 249 5.31 10.88 -20.38
C GLU B 249 4.26 11.72 -19.68
N VAL B 250 3.61 11.15 -18.67
CA VAL B 250 2.57 11.84 -17.95
C VAL B 250 3.22 13.02 -17.24
N ALA B 251 4.42 12.91 -16.64
CA ALA B 251 5.05 14.02 -15.96
C ALA B 251 5.32 15.13 -16.96
N HIS B 252 5.68 14.76 -18.20
CA HIS B 252 5.91 15.75 -19.24
C HIS B 252 4.63 16.45 -19.70
N ILE B 253 3.54 15.73 -19.95
CA ILE B 253 2.26 16.36 -20.28
C ILE B 253 1.84 17.29 -19.14
N LEU B 254 1.97 16.84 -17.90
CA LEU B 254 1.57 17.64 -16.77
C LEU B 254 2.43 18.92 -16.67
N GLN B 255 3.69 18.93 -17.13
CA GLN B 255 4.48 20.14 -17.15
C GLN B 255 3.87 21.14 -18.15
N GLU B 256 3.37 20.64 -19.27
CA GLU B 256 2.71 21.47 -20.28
C GLU B 256 1.44 22.08 -19.75
N VAL B 257 0.69 21.32 -18.95
CA VAL B 257 -0.54 21.79 -18.36
C VAL B 257 -0.18 22.87 -17.33
N ALA B 258 0.86 22.70 -16.49
CA ALA B 258 1.30 23.77 -15.57
C ALA B 258 1.73 24.99 -16.41
N ASP B 259 2.47 24.84 -17.50
CA ASP B 259 2.86 25.96 -18.35
C ASP B 259 1.67 26.71 -18.95
N ALA B 260 0.70 25.96 -19.43
CA ALA B 260 -0.51 26.53 -19.97
C ALA B 260 -1.47 27.08 -18.92
N TYR B 261 -1.73 26.49 -17.74
CA TYR B 261 -2.79 26.98 -16.88
C TYR B 261 -2.39 27.42 -15.49
N ALA B 262 -1.06 27.36 -15.33
CA ALA B 262 -0.18 27.87 -14.27
C ALA B 262 -0.37 27.34 -12.87
C1' HBA C . 10.15 -1.14 12.67
O1' HBA C . 10.73 -2.23 12.50
C1 HBA C . 10.20 -0.46 13.95
C2 HBA C . 9.38 0.65 14.20
C3 HBA C . 9.45 1.28 15.44
C4 HBA C . 10.36 0.80 16.44
C5 HBA C . 11.18 -0.33 16.17
C6 HBA C . 11.10 -0.95 14.93
O4 HBA C . 10.42 1.47 17.67
C1' HBA D . 12.94 3.79 17.29
O1' HBA D . 13.88 3.88 18.10
C1 HBA D . 12.90 2.90 16.12
C2 HBA D . 13.72 1.75 16.02
C3 HBA D . 13.66 0.92 14.87
C4 HBA D . 12.76 1.24 13.79
C5 HBA D . 11.96 2.39 13.91
C6 HBA D . 12.02 3.21 15.06
O4 HBA D . 12.63 0.47 12.61
C1' HBA E . -11.82 1.85 -11.37
O1' HBA E . -11.32 2.75 -12.03
C1 HBA E . -13.13 1.37 -11.68
C2 HBA E . -13.54 0.27 -10.95
C3 HBA E . -14.79 -0.25 -11.20
C4 HBA E . -15.63 0.32 -12.16
C5 HBA E . -15.22 1.45 -12.92
C6 HBA E . -13.95 1.98 -12.66
O4 HBA E . -16.86 -0.32 -12.29
C1' HBA F . -16.37 -3.01 -14.37
O1' HBA F . -17.08 -3.11 -15.39
C1 HBA F . -15.13 -2.21 -14.29
C2 HBA F . -14.90 -1.14 -15.19
C3 HBA F . -13.71 -0.39 -15.10
C4 HBA F . -12.73 -0.70 -14.10
C5 HBA F . -12.98 -1.76 -13.21
C6 HBA F . -14.16 -2.51 -13.31
O4 HBA F . -11.53 0.00 -13.96
#